data_5EHF
#
_entry.id   5EHF
#
_cell.length_a   48.150
_cell.length_b   81.540
_cell.length_c   78.500
_cell.angle_alpha   90.00
_cell.angle_beta   104.75
_cell.angle_gamma   90.00
#
_symmetry.space_group_name_H-M   'P 1 21 1'
#
loop_
_entity.id
_entity.type
_entity.pdbx_description
1 polymer Laccase
2 branched 2-acetamido-2-deoxy-beta-D-glucopyranose-(1-4)-2-acetamido-2-deoxy-beta-D-glucopyranose
3 non-polymer 2-acetamido-2-deoxy-beta-D-glucopyranose
4 non-polymer GLYCEROL
5 non-polymer 'COPPER (II) ION'
6 non-polymer 'ZINC ION'
7 water water
#
_entity_poly.entity_id   1
_entity_poly.type   'polypeptide(L)'
_entity_poly.pdbx_seq_one_letter_code
;AIGPVADLKIVNANIQPDGFTRPAVLAGGTFPGPLIKGNKGDNFQLNVIDELENEDMLKSTSIHWHGFFQHGTNWADGPA
FVNQCPITTGHSFLYNFHVPDQAGTFWYHSHLSTQYCDGLRGPMVVYDPHDPLKQLYDVDDESTVMTLADWYHTLARQEP
PGPVTPDSTLINGLGRAPGQTTPSELAVLTVKRGTRYRIRLINISCEPNYHYSIDNHDLTVIEADGVSTQSLTVSSLTIF
AGQRYSFILNANQPVGNYWIRAQPNDAADVTFNGGINSAILRYEGAPVAEPNTTAGPDNTPLLEVNIRPFVFTPVPGQPH
AGGADFVKNLLFSFNGTNFQVDNVSFVPPTVPILLQILSGAHTAQDLMPAGSIIPLPKNAVIEFSMPGGVVGGGHPIHLH
GHNFWVIRSANSSVYNYNDPVIRDVVNIGTTGDNVTIRFETNNPGPWFLHCHIDWHLDLGFAVVMAEDIPDAAAANPVPA
AWNELCPLYDALTPGNQ
;
_entity_poly.pdbx_strand_id   A
#
# COMPACT_ATOMS: atom_id res chain seq x y z
N ALA A 1 -9.25 10.86 14.00
CA ALA A 1 -9.62 9.99 12.86
C ALA A 1 -10.87 10.59 12.17
N ILE A 2 -11.18 10.14 10.97
CA ILE A 2 -12.39 10.54 10.26
C ILE A 2 -13.02 9.30 9.63
N GLY A 3 -14.28 9.42 9.26
CA GLY A 3 -14.96 8.34 8.58
C GLY A 3 -15.90 7.53 9.44
N PRO A 4 -16.68 6.62 8.82
CA PRO A 4 -16.66 6.17 7.39
C PRO A 4 -17.26 7.23 6.42
N VAL A 5 -17.98 8.21 6.94
CA VAL A 5 -18.50 9.26 6.08
C VAL A 5 -17.70 10.51 6.43
N ALA A 6 -16.95 11.06 5.47
CA ALA A 6 -16.16 12.26 5.74
C ALA A 6 -15.76 12.98 4.50
N ASP A 7 -15.40 14.27 4.66
CA ASP A 7 -14.73 14.97 3.61
C ASP A 7 -13.26 14.72 3.76
N LEU A 8 -12.55 14.67 2.65
CA LEU A 8 -11.07 14.62 2.67
C LEU A 8 -10.50 15.72 1.79
N LYS A 9 -9.95 16.74 2.41
CA LYS A 9 -9.47 17.86 1.65
C LYS A 9 -8.07 17.51 1.17
N ILE A 10 -7.78 17.83 -0.07
CA ILE A 10 -6.43 17.58 -0.59
C ILE A 10 -5.79 18.93 -0.87
N VAL A 11 -4.69 19.24 -0.18
CA VAL A 11 -4.21 20.62 -0.20
C VAL A 11 -2.70 20.69 -0.36
N ASN A 12 -2.18 21.84 -0.75
CA ASN A 12 -0.74 22.03 -0.70
C ASN A 12 -0.35 22.66 0.65
N ALA A 13 0.76 22.26 1.27
CA ALA A 13 1.23 22.97 2.46
C ALA A 13 2.72 22.76 2.47
N ASN A 14 3.43 23.67 3.11
CA ASN A 14 4.86 23.46 3.29
C ASN A 14 5.08 22.79 4.62
N ILE A 15 5.87 21.72 4.61
CA ILE A 15 6.14 20.95 5.84
C ILE A 15 7.61 20.63 5.98
N GLN A 16 8.01 20.26 7.19
CA GLN A 16 9.37 19.89 7.47
C GLN A 16 9.43 18.69 8.41
N PRO A 17 8.92 17.53 7.92
CA PRO A 17 8.83 16.38 8.79
C PRO A 17 10.20 15.83 9.24
N ASP A 18 11.27 16.15 8.50
CA ASP A 18 12.62 15.71 8.88
C ASP A 18 13.53 16.91 8.98
N GLY A 19 12.93 18.07 9.26
CA GLY A 19 13.73 19.31 9.39
C GLY A 19 13.91 20.10 8.11
N PHE A 20 13.73 19.47 6.93
CA PHE A 20 13.93 20.18 5.63
C PHE A 20 12.57 20.69 5.14
N THR A 21 12.45 21.99 4.86
CA THR A 21 11.14 22.51 4.43
C THR A 21 10.90 22.33 2.94
N ARG A 22 9.70 21.80 2.57
CA ARG A 22 9.33 21.62 1.15
C ARG A 22 7.81 21.61 0.98
N PRO A 23 7.30 21.94 -0.21
CA PRO A 23 5.85 21.93 -0.37
C PRO A 23 5.41 20.48 -0.55
N ALA A 24 4.12 20.21 -0.33
CA ALA A 24 3.70 18.79 -0.37
C ALA A 24 2.28 18.75 -0.80
N VAL A 25 1.79 17.55 -1.16
CA VAL A 25 0.36 17.31 -1.47
C VAL A 25 -0.19 16.51 -0.29
N LEU A 26 -1.12 17.06 0.48
CA LEU A 26 -1.49 16.48 1.76
C LEU A 26 -3.00 16.29 1.87
N ALA A 27 -3.37 15.08 2.21
CA ALA A 27 -4.73 14.78 2.63
C ALA A 27 -4.92 15.39 4.03
N GLY A 28 -6.01 16.15 4.17
CA GLY A 28 -6.26 16.88 5.43
C GLY A 28 -5.18 17.79 5.94
N GLY A 29 -4.26 18.17 5.08
CA GLY A 29 -3.23 19.12 5.43
C GLY A 29 -2.16 18.59 6.33
N THR A 30 -2.09 17.25 6.49
CA THR A 30 -1.07 16.68 7.33
C THR A 30 -0.31 15.58 6.61
N PHE A 31 0.89 15.30 7.11
CA PHE A 31 1.60 14.13 6.69
C PHE A 31 1.90 13.19 7.86
N PRO A 32 1.47 11.93 7.75
CA PRO A 32 0.57 11.40 6.73
C PRO A 32 -0.85 11.98 6.90
N GLY A 33 -1.72 11.66 5.95
CA GLY A 33 -3.10 12.03 6.02
C GLY A 33 -3.78 11.53 7.27
N PRO A 34 -5.00 12.02 7.50
CA PRO A 34 -5.70 11.54 8.66
C PRO A 34 -6.00 10.03 8.56
N LEU A 35 -6.12 9.42 9.71
CA LEU A 35 -6.65 8.04 9.75
C LEU A 35 -8.09 8.04 9.31
N ILE A 36 -8.41 7.26 8.29
CA ILE A 36 -9.78 7.03 7.91
C ILE A 36 -10.21 5.70 8.51
N LYS A 37 -11.43 5.62 9.08
CA LYS A 37 -11.81 4.40 9.77
C LYS A 37 -13.29 4.10 9.60
N GLY A 38 -13.63 2.85 9.90
CA GLY A 38 -14.99 2.36 9.95
C GLY A 38 -14.97 0.98 10.53
N ASN A 39 -16.16 0.39 10.63
CA ASN A 39 -16.27 -0.97 11.03
C ASN A 39 -16.57 -1.83 9.86
N LYS A 40 -16.24 -3.11 9.97
CA LYS A 40 -16.62 -4.08 8.94
C LYS A 40 -18.09 -3.97 8.58
N GLY A 41 -18.38 -3.89 7.29
CA GLY A 41 -19.77 -3.75 6.86
C GLY A 41 -20.16 -2.32 6.53
N ASP A 42 -19.37 -1.34 6.97
CA ASP A 42 -19.73 0.08 6.77
C ASP A 42 -19.74 0.49 5.30
N ASN A 43 -20.52 1.56 5.05
CA ASN A 43 -20.53 2.33 3.80
C ASN A 43 -19.60 3.50 3.98
N PHE A 44 -18.49 3.46 3.27
CA PHE A 44 -17.57 4.61 3.22
C PHE A 44 -18.08 5.60 2.22
N GLN A 45 -18.15 6.86 2.60
CA GLN A 45 -18.54 7.98 1.70
C GLN A 45 -17.50 9.05 1.92
N LEU A 46 -16.48 9.00 1.08
CA LEU A 46 -15.31 9.84 1.28
C LEU A 46 -15.32 10.88 0.20
N ASN A 47 -15.69 12.11 0.60
CA ASN A 47 -15.82 13.20 -0.37
C ASN A 47 -14.47 13.84 -0.53
N VAL A 48 -13.75 13.48 -1.62
CA VAL A 48 -12.38 13.97 -1.85
C VAL A 48 -12.47 15.35 -2.53
N ILE A 49 -11.95 16.35 -1.86
CA ILE A 49 -12.11 17.77 -2.29
C ILE A 49 -10.75 18.28 -2.71
N ASP A 50 -10.60 18.49 -4.01
CA ASP A 50 -9.25 18.80 -4.55
C ASP A 50 -9.06 20.32 -4.54
N GLU A 51 -8.14 20.79 -3.69
CA GLU A 51 -7.84 22.23 -3.54
C GLU A 51 -6.41 22.51 -3.92
N LEU A 52 -5.81 21.61 -4.70
CA LEU A 52 -4.40 21.78 -5.11
C LEU A 52 -4.18 22.96 -6.06
N GLU A 53 -3.04 23.63 -5.89
CA GLU A 53 -2.72 24.83 -6.67
C GLU A 53 -1.28 24.76 -7.21
N ASN A 54 -0.47 23.84 -6.67
CA ASN A 54 0.91 23.77 -7.13
C ASN A 54 1.09 22.82 -8.32
N GLU A 55 1.16 23.38 -9.54
CA GLU A 55 1.36 22.54 -10.72
C GLU A 55 2.54 21.59 -10.62
N ASP A 56 3.57 21.92 -9.83
CA ASP A 56 4.78 21.11 -9.77
C ASP A 56 4.52 19.70 -9.25
N MET A 57 3.40 19.55 -8.55
CA MET A 57 3.04 18.23 -7.95
C MET A 57 1.69 17.79 -8.45
N LEU A 58 1.22 18.45 -9.54
CA LEU A 58 -0.07 18.19 -10.20
C LEU A 58 -1.18 18.77 -9.35
N LYS A 59 -2.13 19.40 -10.02
CA LYS A 59 -3.27 19.97 -9.37
C LYS A 59 -4.45 18.98 -9.40
N SER A 60 -4.41 17.98 -10.29
CA SER A 60 -5.53 17.00 -10.32
C SER A 60 -5.09 15.95 -9.31
N THR A 61 -6.00 15.05 -8.95
CA THR A 61 -5.63 13.96 -8.06
C THR A 61 -6.68 12.84 -8.23
N SER A 62 -6.42 11.67 -7.62
CA SER A 62 -7.35 10.57 -7.69
C SER A 62 -6.92 9.68 -6.54
N ILE A 63 -7.85 9.13 -5.76
CA ILE A 63 -7.39 8.40 -4.57
C ILE A 63 -7.77 6.97 -4.65
N HIS A 64 -6.88 6.08 -4.22
CA HIS A 64 -7.17 4.66 -4.17
C HIS A 64 -7.15 4.24 -2.72
N TRP A 65 -8.09 3.33 -2.41
CA TRP A 65 -8.28 2.80 -1.06
C TRP A 65 -7.61 1.39 -1.09
N HIS A 66 -6.34 1.35 -0.67
CA HIS A 66 -5.46 0.20 -0.97
C HIS A 66 -5.88 -1.01 -0.17
N GLY A 67 -6.26 -2.07 -0.90
CA GLY A 67 -6.59 -3.38 -0.31
C GLY A 67 -8.09 -3.68 -0.31
N PHE A 68 -8.89 -2.67 -0.61
CA PHE A 68 -10.36 -2.88 -0.60
C PHE A 68 -10.83 -3.43 -1.96
N PHE A 69 -11.72 -4.43 -1.93
CA PHE A 69 -12.01 -5.15 -3.15
C PHE A 69 -12.87 -4.33 -4.09
N GLN A 70 -13.61 -3.37 -3.54
CA GLN A 70 -14.50 -2.52 -4.40
C GLN A 70 -15.48 -3.33 -5.30
N HIS A 71 -16.06 -4.38 -4.74
CA HIS A 71 -16.96 -5.22 -5.52
C HIS A 71 -18.20 -4.43 -5.89
N GLY A 72 -18.38 -4.25 -7.21
CA GLY A 72 -19.52 -3.48 -7.76
C GLY A 72 -19.30 -1.97 -7.77
N THR A 73 -18.11 -1.54 -7.32
CA THR A 73 -17.74 -0.13 -7.27
C THR A 73 -16.36 0.04 -7.86
N ASN A 74 -16.13 -0.58 -9.01
CA ASN A 74 -14.81 -0.51 -9.65
C ASN A 74 -14.48 0.96 -9.91
N TRP A 75 -15.53 1.78 -10.14
CA TRP A 75 -15.33 3.17 -10.46
C TRP A 75 -14.73 3.98 -9.32
N ALA A 76 -14.77 3.43 -8.09
CA ALA A 76 -14.23 4.09 -6.92
C ALA A 76 -12.83 3.59 -6.58
N ASP A 77 -12.19 2.79 -7.46
CA ASP A 77 -10.92 2.19 -7.06
C ASP A 77 -9.77 3.21 -7.07
N GLY A 78 -9.79 4.17 -7.99
CA GLY A 78 -8.75 5.22 -7.94
C GLY A 78 -7.68 5.35 -9.02
N PRO A 79 -7.12 4.24 -9.54
CA PRO A 79 -6.06 4.37 -10.55
C PRO A 79 -6.46 5.27 -11.76
N ALA A 80 -5.71 6.36 -11.94
CA ALA A 80 -6.00 7.32 -13.00
C ALA A 80 -5.89 6.57 -14.36
N PHE A 81 -6.91 6.75 -15.20
CA PHE A 81 -6.96 6.19 -16.58
C PHE A 81 -7.19 4.70 -16.63
N VAL A 82 -7.37 4.08 -15.45
CA VAL A 82 -7.90 2.72 -15.40
C VAL A 82 -9.35 2.79 -14.90
N ASN A 83 -9.56 3.40 -13.73
CA ASN A 83 -10.88 3.37 -13.14
C ASN A 83 -11.58 4.74 -13.15
N GLN A 84 -10.83 5.80 -13.37
CA GLN A 84 -11.42 7.13 -13.51
C GLN A 84 -10.48 8.12 -14.16
N CYS A 85 -10.98 9.26 -14.67
CA CYS A 85 -10.10 10.41 -14.89
C CYS A 85 -9.84 11.09 -13.54
N PRO A 86 -8.69 11.75 -13.36
CA PRO A 86 -8.43 12.45 -12.15
C PRO A 86 -9.47 13.55 -11.92
N ILE A 87 -9.71 13.78 -10.64
CA ILE A 87 -10.47 14.91 -10.09
C ILE A 87 -9.65 16.13 -10.40
N THR A 88 -10.34 17.22 -10.77
CA THR A 88 -9.65 18.48 -11.09
C THR A 88 -9.75 19.45 -9.91
N THR A 89 -8.77 20.34 -9.80
CA THR A 89 -8.75 21.28 -8.70
C THR A 89 -10.00 22.17 -8.77
N GLY A 90 -10.50 22.59 -7.62
CA GLY A 90 -11.75 23.36 -7.61
C GLY A 90 -12.94 22.42 -7.57
N HIS A 91 -12.73 21.09 -7.71
CA HIS A 91 -13.86 20.14 -7.70
C HIS A 91 -13.67 19.02 -6.65
N SER A 92 -14.72 18.21 -6.45
CA SER A 92 -14.68 17.14 -5.47
C SER A 92 -15.27 15.91 -6.13
N PHE A 93 -15.05 14.76 -5.51
CA PHE A 93 -15.63 13.54 -6.05
C PHE A 93 -15.85 12.61 -4.89
N LEU A 94 -17.03 12.03 -4.82
CA LEU A 94 -17.46 11.23 -3.72
C LEU A 94 -17.18 9.74 -4.05
N TYR A 95 -16.27 9.14 -3.28
CA TYR A 95 -16.05 7.73 -3.36
C TYR A 95 -16.99 7.07 -2.41
N ASN A 96 -17.87 6.25 -2.95
CA ASN A 96 -18.99 5.68 -2.18
C ASN A 96 -19.02 4.19 -2.34
N PHE A 97 -18.58 3.48 -1.30
CA PHE A 97 -18.37 2.08 -1.45
C PHE A 97 -18.58 1.37 -0.10
N HIS A 98 -18.69 0.03 -0.14
CA HIS A 98 -18.84 -0.76 1.08
C HIS A 98 -17.71 -1.74 1.28
N VAL A 99 -17.51 -2.09 2.54
CA VAL A 99 -16.57 -3.10 2.92
C VAL A 99 -17.28 -4.20 3.70
N PRO A 100 -18.09 -5.03 3.00
CA PRO A 100 -18.89 -6.09 3.65
C PRO A 100 -18.08 -7.23 4.23
N ASP A 101 -16.90 -7.53 3.67
CA ASP A 101 -16.26 -8.81 3.89
C ASP A 101 -14.78 -8.63 4.22
N GLN A 102 -14.40 -7.42 4.62
CA GLN A 102 -13.01 -7.18 5.04
C GLN A 102 -12.99 -6.41 6.37
N ALA A 103 -11.94 -6.69 7.14
CA ALA A 103 -11.65 -5.97 8.37
C ALA A 103 -10.16 -6.18 8.62
N GLY A 104 -9.45 -5.09 8.75
CA GLY A 104 -7.97 -5.17 8.79
C GLY A 104 -7.33 -3.84 8.69
N THR A 105 -6.02 -3.87 8.41
CA THR A 105 -5.24 -2.62 8.27
C THR A 105 -4.95 -2.36 6.80
N PHE A 106 -5.27 -1.14 6.34
CA PHE A 106 -5.23 -0.76 4.92
C PHE A 106 -4.63 0.64 4.89
N TRP A 107 -4.71 1.33 3.76
CA TRP A 107 -4.22 2.69 3.70
C TRP A 107 -4.80 3.31 2.43
N TYR A 108 -4.62 4.61 2.26
CA TYR A 108 -5.11 5.24 1.03
C TYR A 108 -4.02 6.09 0.44
N HIS A 109 -4.03 6.28 -0.88
CA HIS A 109 -2.93 7.03 -1.43
C HIS A 109 -3.35 7.55 -2.79
N SER A 110 -2.76 8.67 -3.19
CA SER A 110 -2.95 9.12 -4.60
C SER A 110 -2.57 7.98 -5.55
N HIS A 111 -3.30 7.89 -6.66
CA HIS A 111 -3.03 6.88 -7.66
C HIS A 111 -3.03 7.60 -8.96
N LEU A 112 -2.49 8.83 -8.93
CA LEU A 112 -2.25 9.58 -10.14
C LEU A 112 -0.74 9.79 -10.22
N SER A 113 -0.10 9.24 -11.24
CA SER A 113 1.33 9.43 -11.45
C SER A 113 2.08 9.14 -10.13
N THR A 114 3.11 9.92 -9.80
CA THR A 114 3.93 9.68 -8.62
C THR A 114 3.50 10.63 -7.48
N GLN A 115 2.27 11.12 -7.53
CA GLN A 115 1.83 12.11 -6.60
C GLN A 115 1.82 11.62 -5.12
N TYR A 116 1.67 10.33 -4.87
CA TYR A 116 1.55 9.96 -3.48
C TYR A 116 2.88 10.16 -2.81
N CYS A 117 3.96 10.08 -3.59
CA CYS A 117 5.27 10.32 -3.00
C CYS A 117 5.33 11.74 -2.41
N ASP A 118 4.72 12.71 -3.11
CA ASP A 118 4.68 14.14 -2.66
C ASP A 118 3.82 14.38 -1.41
N GLY A 119 3.15 13.31 -0.92
CA GLY A 119 2.58 13.41 0.43
C GLY A 119 1.19 12.83 0.60
N LEU A 120 0.55 12.45 -0.50
CA LEU A 120 -0.90 12.11 -0.33
C LEU A 120 -0.99 10.62 -0.05
N ARG A 121 -0.93 10.26 1.24
CA ARG A 121 -0.95 8.85 1.67
C ARG A 121 -1.32 8.93 3.14
N GLY A 122 -2.14 7.99 3.62
CA GLY A 122 -2.52 7.99 5.06
C GLY A 122 -3.04 6.61 5.35
N PRO A 123 -3.21 6.30 6.66
CA PRO A 123 -3.62 5.00 7.07
C PRO A 123 -5.16 4.89 6.99
N MET A 124 -5.68 3.67 6.88
CA MET A 124 -7.14 3.47 6.84
C MET A 124 -7.39 2.14 7.52
N VAL A 125 -8.25 2.09 8.56
CA VAL A 125 -8.50 0.83 9.27
C VAL A 125 -9.99 0.51 9.29
N VAL A 126 -10.30 -0.76 9.02
CA VAL A 126 -11.68 -1.26 9.19
C VAL A 126 -11.67 -2.19 10.41
N TYR A 127 -12.26 -1.70 11.51
CA TYR A 127 -12.26 -2.46 12.76
C TYR A 127 -13.30 -3.55 12.68
N ASP A 128 -13.05 -4.64 13.39
CA ASP A 128 -14.04 -5.74 13.48
C ASP A 128 -14.44 -5.80 14.97
N PRO A 129 -15.69 -5.45 15.30
CA PRO A 129 -16.13 -5.53 16.70
C PRO A 129 -16.14 -6.97 17.18
N HIS A 130 -16.18 -7.91 16.25
CA HIS A 130 -15.98 -9.33 16.56
C HIS A 130 -14.64 -9.91 16.20
N ASP A 131 -13.64 -9.05 16.21
CA ASP A 131 -12.33 -9.52 15.85
C ASP A 131 -11.92 -10.66 16.77
N PRO A 132 -11.58 -11.82 16.19
CA PRO A 132 -11.21 -12.98 17.00
C PRO A 132 -9.93 -12.76 17.75
N LEU A 133 -9.11 -11.79 17.33
CA LEU A 133 -7.87 -11.56 18.07
C LEU A 133 -8.01 -10.48 19.18
N LYS A 134 -9.21 -9.96 19.39
CA LYS A 134 -9.51 -8.91 20.40
C LYS A 134 -9.00 -9.31 21.77
N GLN A 135 -9.04 -10.59 22.09
CA GLN A 135 -8.68 -10.91 23.47
C GLN A 135 -7.18 -10.99 23.67
N LEU A 136 -6.45 -10.82 22.56
CA LEU A 136 -4.97 -10.74 22.65
C LEU A 136 -4.37 -9.37 23.01
N TYR A 137 -5.17 -8.34 23.05
CA TYR A 137 -4.60 -7.00 23.30
C TYR A 137 -5.63 -6.17 23.99
N ASP A 138 -5.17 -5.05 24.56
CA ASP A 138 -6.02 -4.19 25.37
C ASP A 138 -6.39 -2.94 24.62
N VAL A 139 -5.47 -2.39 23.79
CA VAL A 139 -5.70 -1.10 23.18
C VAL A 139 -5.51 -1.26 21.68
N ASP A 140 -6.44 -0.71 20.90
CA ASP A 140 -6.27 -0.72 19.42
C ASP A 140 -6.98 0.54 18.94
N ASP A 141 -6.23 1.58 18.64
CA ASP A 141 -6.93 2.85 18.28
C ASP A 141 -6.01 3.70 17.45
N GLU A 142 -6.33 4.98 17.26
CA GLU A 142 -5.57 5.81 16.33
C GLU A 142 -4.10 5.91 16.75
N SER A 143 -3.85 5.95 18.05
CA SER A 143 -2.48 6.00 18.55
C SER A 143 -1.62 4.78 18.23
N THR A 144 -2.27 3.64 17.93
CA THR A 144 -1.52 2.40 17.68
C THR A 144 -1.32 2.12 16.18
N VAL A 145 -1.84 2.99 15.32
CA VAL A 145 -1.52 2.90 13.90
C VAL A 145 -0.09 3.49 13.75
N MET A 146 0.79 2.73 13.14
CA MET A 146 2.15 3.23 12.93
C MET A 146 2.50 3.21 11.43
N THR A 147 2.75 4.38 10.86
CA THR A 147 3.13 4.42 9.40
C THR A 147 4.64 4.56 9.26
N LEU A 148 5.22 3.86 8.27
CA LEU A 148 6.62 3.97 7.90
C LEU A 148 6.62 4.57 6.49
N ALA A 149 7.25 5.75 6.33
CA ALA A 149 7.12 6.48 5.07
C ALA A 149 8.54 6.90 4.59
N ASP A 150 8.83 6.81 3.31
CA ASP A 150 10.04 7.41 2.84
C ASP A 150 9.67 8.89 2.58
N TRP A 151 10.70 9.72 2.46
CA TRP A 151 10.47 11.15 2.30
C TRP A 151 11.61 11.68 1.48
N TYR A 152 11.29 12.55 0.53
CA TYR A 152 12.28 12.98 -0.45
C TYR A 152 12.41 14.49 -0.38
N HIS A 153 13.64 15.03 -0.49
CA HIS A 153 13.75 16.50 -0.48
C HIS A 153 13.49 17.13 -1.86
N THR A 154 13.63 16.36 -2.93
CA THR A 154 13.26 16.81 -4.27
C THR A 154 11.84 16.41 -4.60
N LEU A 155 11.10 17.31 -5.22
CA LEU A 155 9.72 16.98 -5.64
C LEU A 155 9.73 15.78 -6.62
N ALA A 156 8.66 14.99 -6.57
CA ALA A 156 8.64 13.72 -7.29
C ALA A 156 8.82 13.97 -8.78
N ARG A 157 8.17 15.03 -9.26
CA ARG A 157 8.19 15.29 -10.72
C ARG A 157 9.48 15.97 -11.15
N GLN A 158 10.37 16.20 -10.19
CA GLN A 158 11.60 16.94 -10.48
C GLN A 158 12.76 16.04 -10.25
N GLU A 159 12.45 14.78 -9.97
CA GLU A 159 13.48 13.81 -9.76
C GLU A 159 14.18 13.60 -11.09
N PRO A 160 15.53 13.60 -11.07
CA PRO A 160 16.26 13.28 -12.30
C PRO A 160 15.99 11.85 -12.78
N PRO A 161 16.31 11.56 -14.04
CA PRO A 161 16.23 10.17 -14.54
C PRO A 161 17.04 9.14 -13.73
N GLY A 162 16.58 7.89 -13.67
CA GLY A 162 17.38 6.77 -13.12
C GLY A 162 16.87 6.53 -11.70
N PRO A 163 17.57 5.68 -10.90
CA PRO A 163 17.14 5.26 -9.55
C PRO A 163 16.96 6.47 -8.64
N VAL A 164 15.85 6.51 -7.90
CA VAL A 164 15.54 7.56 -6.91
C VAL A 164 15.76 6.97 -5.49
N THR A 165 16.30 7.75 -4.57
CA THR A 165 16.60 7.24 -3.23
C THR A 165 16.05 8.20 -2.18
N PRO A 166 15.37 7.69 -1.14
CA PRO A 166 14.81 8.67 -0.20
C PRO A 166 15.86 9.38 0.66
N ASP A 167 15.47 10.53 1.17
CA ASP A 167 16.32 11.32 2.07
C ASP A 167 16.15 10.92 3.51
N SER A 168 14.94 10.46 3.87
CA SER A 168 14.71 10.06 5.23
C SER A 168 13.56 9.09 5.37
N THR A 169 13.45 8.53 6.57
CA THR A 169 12.34 7.71 6.97
C THR A 169 11.51 8.46 8.02
N LEU A 170 10.21 8.55 7.80
CA LEU A 170 9.32 9.19 8.71
C LEU A 170 8.46 8.16 9.36
N ILE A 171 8.44 8.11 10.71
CA ILE A 171 7.60 7.16 11.39
C ILE A 171 6.48 7.99 12.01
N ASN A 172 5.19 7.65 11.77
CA ASN A 172 4.13 8.56 12.21
C ASN A 172 4.46 10.00 11.86
N GLY A 173 4.99 10.21 10.65
CA GLY A 173 5.15 11.56 10.11
C GLY A 173 6.41 12.25 10.54
N LEU A 174 7.22 11.65 11.40
CA LEU A 174 8.52 12.30 11.82
C LEU A 174 9.74 11.43 11.72
N GLY A 175 10.87 12.03 11.47
CA GLY A 175 12.08 11.24 11.54
C GLY A 175 13.23 12.11 11.20
N ARG A 176 14.45 11.64 11.41
CA ARG A 176 15.60 12.49 11.09
C ARG A 176 16.19 12.14 9.76
N ALA A 177 16.62 13.18 9.04
CA ALA A 177 17.43 12.99 7.84
C ALA A 177 18.91 13.01 8.28
N PRO A 178 19.79 12.37 7.50
CA PRO A 178 21.21 12.28 7.83
C PRO A 178 21.82 13.68 7.71
N GLY A 179 22.95 13.90 8.36
CA GLY A 179 23.62 15.21 8.21
C GLY A 179 23.16 16.41 9.05
N GLN A 180 22.15 16.24 9.89
CA GLN A 180 21.67 17.37 10.71
C GLN A 180 22.71 17.73 11.81
N THR A 181 22.86 19.01 12.05
CA THR A 181 23.83 19.47 13.07
C THR A 181 23.17 19.52 14.47
N THR A 182 21.87 19.80 14.49
CA THR A 182 21.08 19.55 15.74
C THR A 182 19.94 18.56 15.41
N PRO A 183 19.80 17.54 16.22
CA PRO A 183 18.91 16.48 15.76
C PRO A 183 17.44 16.92 15.75
N SER A 184 16.69 16.64 14.67
CA SER A 184 15.24 17.05 14.60
C SER A 184 14.30 16.11 15.40
N GLU A 185 13.02 16.41 15.44
CA GLU A 185 12.09 15.78 16.38
C GLU A 185 11.79 14.31 15.99
N LEU A 186 11.84 13.41 16.96
CA LEU A 186 11.51 12.00 16.70
C LEU A 186 10.07 11.75 17.03
N ALA A 187 9.41 10.84 16.32
CA ALA A 187 8.05 10.38 16.69
C ALA A 187 8.14 9.60 18.00
N VAL A 188 7.05 9.58 18.79
CA VAL A 188 7.06 8.92 20.08
C VAL A 188 5.75 8.14 20.14
N LEU A 189 5.83 6.85 20.38
CA LEU A 189 4.63 6.05 20.63
C LEU A 189 4.70 5.86 22.13
N THR A 190 3.68 6.37 22.81
CA THR A 190 3.61 6.24 24.29
C THR A 190 2.73 5.04 24.73
N VAL A 191 3.24 4.26 25.68
CA VAL A 191 2.59 3.01 26.09
C VAL A 191 2.51 2.98 27.62
N LYS A 192 1.47 2.34 28.14
CA LYS A 192 1.38 2.11 29.60
C LYS A 192 1.93 0.76 29.97
N ARG A 193 2.81 0.73 30.96
CA ARG A 193 3.34 -0.57 31.42
C ARG A 193 2.31 -1.65 31.78
N GLY A 194 2.51 -2.87 31.25
CA GLY A 194 1.54 -3.96 31.45
C GLY A 194 0.40 -4.01 30.43
N THR A 195 0.29 -3.02 29.56
CA THR A 195 -0.76 -3.00 28.56
C THR A 195 -0.25 -3.63 27.25
N ARG A 196 -1.16 -4.34 26.58
CA ARG A 196 -0.89 -4.98 25.26
C ARG A 196 -1.55 -4.12 24.22
N TYR A 197 -0.81 -3.80 23.16
CA TYR A 197 -1.37 -2.96 22.07
C TYR A 197 -1.40 -3.71 20.76
N ARG A 198 -2.41 -3.43 19.92
CA ARG A 198 -2.36 -3.94 18.56
C ARG A 198 -1.75 -2.81 17.74
N ILE A 199 -0.47 -2.94 17.42
CA ILE A 199 0.17 -1.95 16.54
C ILE A 199 -0.13 -2.32 15.09
N ARG A 200 -0.68 -1.39 14.33
CA ARG A 200 -1.07 -1.63 12.97
C ARG A 200 -0.03 -0.91 12.13
N LEU A 201 0.87 -1.70 11.60
CA LEU A 201 2.13 -1.21 10.99
C LEU A 201 1.90 -1.19 9.47
N ILE A 202 2.08 0.00 8.89
CA ILE A 202 1.79 0.21 7.48
C ILE A 202 2.98 0.83 6.81
N ASN A 203 3.43 0.22 5.73
CA ASN A 203 4.51 0.83 4.96
C ASN A 203 3.86 1.59 3.83
N ILE A 204 3.81 2.90 3.99
CA ILE A 204 3.17 3.78 3.02
C ILE A 204 4.23 4.44 2.12
N SER A 205 5.35 3.76 1.95
CA SER A 205 6.44 4.33 1.18
C SER A 205 6.24 4.22 -0.34
N CYS A 206 7.00 5.03 -1.07
CA CYS A 206 7.02 4.95 -2.50
C CYS A 206 8.09 3.96 -2.93
N GLU A 207 8.92 3.47 -2.02
CA GLU A 207 10.00 2.61 -2.46
C GLU A 207 10.60 1.60 -1.46
N PRO A 208 11.25 2.08 -0.36
CA PRO A 208 12.00 1.10 0.43
C PRO A 208 11.12 0.11 1.11
N ASN A 209 11.72 -1.03 1.40
CA ASN A 209 11.20 -1.94 2.43
C ASN A 209 11.93 -1.61 3.72
N TYR A 210 11.37 -1.95 4.87
CA TYR A 210 11.98 -1.63 6.20
C TYR A 210 12.16 -2.88 6.95
N HIS A 211 13.34 -3.06 7.50
CA HIS A 211 13.53 -4.08 8.49
C HIS A 211 13.19 -3.43 9.87
N TYR A 212 12.09 -3.91 10.45
CA TYR A 212 11.52 -3.20 11.58
C TYR A 212 11.73 -4.01 12.83
N SER A 213 12.09 -3.35 13.91
CA SER A 213 12.21 -4.01 15.24
C SER A 213 12.06 -2.97 16.33
N ILE A 214 11.81 -3.44 17.56
CA ILE A 214 11.73 -2.53 18.70
C ILE A 214 12.62 -3.12 19.75
N ASP A 215 13.60 -2.30 20.16
CA ASP A 215 14.54 -2.75 21.18
C ASP A 215 13.84 -3.34 22.39
N ASN A 216 14.31 -4.50 22.79
CA ASN A 216 13.85 -5.14 24.02
C ASN A 216 12.44 -5.60 23.97
N HIS A 217 11.78 -5.48 22.81
CA HIS A 217 10.39 -6.01 22.74
C HIS A 217 10.22 -6.97 21.58
N ASP A 218 9.55 -8.10 21.76
CA ASP A 218 9.23 -8.90 20.57
C ASP A 218 7.95 -8.43 19.89
N LEU A 219 7.67 -8.91 18.67
CA LEU A 219 6.47 -8.52 17.94
C LEU A 219 5.64 -9.80 17.76
N THR A 220 4.36 -9.77 18.10
CA THR A 220 3.54 -10.99 17.84
C THR A 220 2.61 -10.64 16.69
N VAL A 221 2.95 -11.14 15.51
CA VAL A 221 2.25 -10.75 14.27
C VAL A 221 0.89 -11.50 14.21
N ILE A 222 -0.18 -10.74 14.00
CA ILE A 222 -1.55 -11.32 14.04
C ILE A 222 -2.35 -10.93 12.78
N GLU A 223 -1.77 -10.17 11.89
CA GLU A 223 -2.49 -9.73 10.63
C GLU A 223 -1.45 -9.42 9.54
N ALA A 224 -1.71 -9.82 8.27
CA ALA A 224 -0.89 -9.44 7.15
C ALA A 224 -1.81 -8.88 6.04
N ASP A 225 -1.53 -7.65 5.61
CA ASP A 225 -2.31 -6.98 4.51
C ASP A 225 -3.83 -7.22 4.65
N GLY A 226 -4.41 -6.90 5.80
CA GLY A 226 -5.87 -6.97 6.00
C GLY A 226 -6.37 -8.32 6.50
N VAL A 227 -5.55 -9.38 6.46
CA VAL A 227 -6.06 -10.73 6.72
C VAL A 227 -5.47 -11.23 8.01
N SER A 228 -6.33 -11.58 8.95
CA SER A 228 -5.84 -12.01 10.29
C SER A 228 -5.04 -13.29 10.14
N THR A 229 -3.99 -13.42 10.96
CA THR A 229 -3.13 -14.58 10.89
C THR A 229 -3.04 -15.27 12.24
N GLN A 230 -2.57 -16.52 12.25
CA GLN A 230 -2.19 -17.12 13.53
C GLN A 230 -1.01 -16.31 14.15
N SER A 231 -1.00 -16.14 15.49
CA SER A 231 0.02 -15.37 16.17
C SER A 231 1.38 -15.94 15.93
N LEU A 232 2.33 -15.07 15.63
CA LEU A 232 3.66 -15.56 15.39
C LEU A 232 4.56 -14.56 16.04
N THR A 233 5.29 -14.98 17.06
CA THR A 233 6.11 -14.05 17.82
C THR A 233 7.48 -14.04 17.22
N VAL A 234 7.97 -12.85 16.90
CA VAL A 234 9.17 -12.75 16.11
C VAL A 234 10.05 -11.66 16.70
N SER A 235 11.31 -11.65 16.30
CA SER A 235 12.27 -10.61 16.75
C SER A 235 12.34 -9.35 15.88
N SER A 236 11.88 -9.47 14.63
CA SER A 236 11.82 -8.33 13.71
C SER A 236 10.96 -8.78 12.55
N LEU A 237 10.65 -7.86 11.65
CA LEU A 237 10.01 -8.28 10.41
C LEU A 237 10.51 -7.35 9.32
N THR A 238 10.25 -7.70 8.05
CA THR A 238 10.59 -6.82 6.96
C THR A 238 9.31 -6.52 6.22
N ILE A 239 9.04 -5.25 5.98
CA ILE A 239 7.75 -4.86 5.49
C ILE A 239 7.96 -4.06 4.21
N PHE A 240 7.37 -4.55 3.12
CA PHE A 240 7.57 -3.93 1.80
C PHE A 240 6.55 -2.80 1.52
N ALA A 241 6.83 -1.95 0.54
CA ALA A 241 5.96 -0.85 0.18
C ALA A 241 4.53 -1.36 -0.05
N GLY A 242 3.60 -0.80 0.70
CA GLY A 242 2.17 -1.11 0.53
C GLY A 242 1.70 -2.24 1.43
N GLN A 243 2.62 -2.96 2.13
CA GLN A 243 2.18 -4.04 3.00
C GLN A 243 1.84 -3.50 4.40
N ARG A 244 1.08 -4.34 5.12
CA ARG A 244 0.64 -4.06 6.50
C ARG A 244 0.84 -5.31 7.32
N TYR A 245 1.25 -5.13 8.59
CA TYR A 245 1.20 -6.17 9.60
C TYR A 245 0.60 -5.60 10.87
N SER A 246 -0.33 -6.31 11.52
CA SER A 246 -0.63 -5.92 12.92
C SER A 246 0.26 -6.79 13.76
N PHE A 247 0.76 -6.23 14.85
CA PHE A 247 1.43 -7.13 15.80
C PHE A 247 1.06 -6.65 17.19
N ILE A 248 1.21 -7.54 18.15
CA ILE A 248 0.96 -7.16 19.52
C ILE A 248 2.27 -6.71 20.11
N LEU A 249 2.21 -5.51 20.67
CA LEU A 249 3.30 -4.99 21.47
C LEU A 249 2.85 -5.15 22.92
N ASN A 250 3.62 -5.94 23.70
CA ASN A 250 3.31 -6.15 25.10
C ASN A 250 4.27 -5.24 25.87
N ALA A 251 3.75 -4.20 26.51
CA ALA A 251 4.62 -3.25 27.18
C ALA A 251 5.03 -3.77 28.56
N ASN A 252 5.91 -4.75 28.57
CA ASN A 252 6.22 -5.54 29.77
C ASN A 252 7.63 -5.31 30.25
N GLN A 253 8.27 -4.26 29.72
CA GLN A 253 9.65 -4.05 30.07
C GLN A 253 9.70 -2.96 31.14
N PRO A 254 10.91 -2.64 31.67
CA PRO A 254 10.93 -1.57 32.65
C PRO A 254 10.56 -0.23 32.00
N VAL A 255 9.98 0.69 32.79
CA VAL A 255 9.73 2.07 32.33
C VAL A 255 10.97 2.66 31.72
N GLY A 256 10.88 3.10 30.46
CA GLY A 256 12.07 3.66 29.83
C GLY A 256 11.70 4.06 28.41
N ASN A 257 12.71 4.47 27.65
CA ASN A 257 12.55 4.78 26.24
C ASN A 257 13.30 3.73 25.47
N TYR A 258 12.67 3.21 24.41
CA TYR A 258 13.20 2.09 23.63
C TYR A 258 13.17 2.49 22.15
N TRP A 259 14.25 2.21 21.43
CA TRP A 259 14.27 2.57 20.03
C TRP A 259 13.33 1.68 19.21
N ILE A 260 12.51 2.31 18.39
CA ILE A 260 11.78 1.63 17.32
C ILE A 260 12.67 1.87 16.10
N ARG A 261 13.08 0.81 15.45
CA ARG A 261 14.05 0.87 14.35
C ARG A 261 13.35 0.51 13.05
N ALA A 262 13.49 1.32 12.01
CA ALA A 262 12.88 0.99 10.75
C ALA A 262 13.94 1.18 9.70
N GLN A 263 14.65 0.13 9.38
CA GLN A 263 15.90 0.30 8.58
C GLN A 263 15.54 0.11 7.13
N PRO A 264 15.62 1.18 6.33
CA PRO A 264 15.23 1.06 4.92
C PRO A 264 16.25 0.25 4.17
N ASN A 265 15.78 -0.52 3.19
CA ASN A 265 16.76 -1.16 2.27
C ASN A 265 17.55 -0.16 1.47
N ASP A 266 16.95 0.94 1.03
CA ASP A 266 17.77 1.98 0.39
C ASP A 266 17.31 3.41 0.72
N ALA A 267 18.30 4.27 0.94
CA ALA A 267 18.04 5.66 1.35
C ALA A 267 19.43 6.29 1.39
N ALA A 268 19.43 7.61 1.54
CA ALA A 268 20.67 8.39 1.65
C ALA A 268 21.57 7.76 2.71
N ASP A 269 20.97 7.34 3.84
CA ASP A 269 21.71 6.69 4.92
C ASP A 269 20.80 5.62 5.47
N VAL A 270 21.30 4.39 5.44
CA VAL A 270 20.51 3.24 5.88
C VAL A 270 20.81 2.86 7.33
N THR A 271 21.76 3.54 7.97
CA THR A 271 22.15 3.15 9.33
C THR A 271 21.17 3.77 10.33
N PHE A 272 21.50 3.65 11.61
CA PHE A 272 20.76 4.37 12.66
C PHE A 272 21.60 5.52 13.24
N ASN A 273 22.67 5.88 12.53
CA ASN A 273 23.53 6.98 13.02
C ASN A 273 22.75 8.26 13.23
N GLY A 274 22.92 8.87 14.41
CA GLY A 274 22.25 10.16 14.72
C GLY A 274 20.75 9.98 15.01
N GLY A 275 20.32 8.74 15.15
CA GLY A 275 18.87 8.43 15.44
C GLY A 275 17.96 8.57 14.21
N ILE A 276 18.55 8.47 13.00
CA ILE A 276 17.79 8.49 11.77
C ILE A 276 17.15 7.12 11.67
N ASN A 277 16.15 7.02 10.77
CA ASN A 277 15.46 5.69 10.61
C ASN A 277 14.94 5.05 11.93
N SER A 278 14.52 5.92 12.84
CA SER A 278 14.15 5.52 14.22
C SER A 278 13.02 6.37 14.73
N ALA A 279 12.34 5.80 15.73
CA ALA A 279 11.36 6.54 16.56
C ALA A 279 11.50 6.03 17.97
N ILE A 280 10.72 6.62 18.86
CA ILE A 280 10.90 6.31 20.28
C ILE A 280 9.66 5.61 20.79
N LEU A 281 9.85 4.48 21.46
CA LEU A 281 8.77 3.84 22.25
C LEU A 281 8.97 4.31 23.69
N ARG A 282 8.03 5.13 24.20
CA ARG A 282 8.16 5.75 25.50
C ARG A 282 7.13 5.19 26.44
N TYR A 283 7.58 4.54 27.52
CA TYR A 283 6.65 4.17 28.59
C TYR A 283 6.18 5.44 29.28
N GLU A 284 4.91 5.55 29.63
CA GLU A 284 4.54 6.70 30.51
C GLU A 284 5.45 6.80 31.70
N GLY A 285 5.88 8.02 32.02
CA GLY A 285 6.75 8.20 33.18
C GLY A 285 8.21 8.22 32.80
N ALA A 286 8.57 7.77 31.56
CA ALA A 286 9.98 7.73 31.17
C ALA A 286 10.36 9.16 30.95
N PRO A 287 11.66 9.48 31.03
CA PRO A 287 12.15 10.83 30.76
C PRO A 287 11.83 11.28 29.34
N VAL A 288 11.70 12.58 29.11
CA VAL A 288 11.60 13.11 27.75
C VAL A 288 13.04 13.15 27.22
N ALA A 289 13.50 12.03 26.64
CA ALA A 289 14.88 11.84 26.19
C ALA A 289 14.90 10.73 25.14
N GLU A 290 16.02 10.60 24.46
CA GLU A 290 16.19 9.48 23.54
C GLU A 290 16.41 8.18 24.27
N PRO A 291 16.08 7.05 23.60
CA PRO A 291 16.38 5.75 24.13
C PRO A 291 17.93 5.58 24.19
N ASN A 292 18.41 4.72 25.08
CA ASN A 292 19.81 4.32 25.06
C ASN A 292 19.94 2.84 24.79
N THR A 293 18.93 2.25 24.16
CA THR A 293 18.86 0.78 24.11
C THR A 293 19.62 0.26 22.89
N THR A 294 19.80 -1.05 22.83
CA THR A 294 20.37 -1.64 21.62
C THR A 294 19.50 -2.79 21.07
N ALA A 295 19.55 -3.01 19.76
CA ALA A 295 18.84 -4.13 19.10
C ALA A 295 19.38 -5.48 19.54
N GLY A 296 18.54 -6.53 19.59
CA GLY A 296 18.94 -7.86 20.06
C GLY A 296 19.59 -8.64 18.93
N PRO A 297 19.79 -9.97 19.10
CA PRO A 297 20.50 -10.74 18.05
C PRO A 297 19.66 -10.98 16.76
N ASP A 298 18.36 -10.77 16.85
CA ASP A 298 17.44 -10.93 15.71
C ASP A 298 17.38 -12.41 15.21
N ASN A 299 17.18 -13.33 16.13
CA ASN A 299 17.20 -14.79 15.83
C ASN A 299 15.92 -15.38 15.28
N THR A 300 14.82 -14.65 15.33
CA THR A 300 13.54 -15.19 14.86
C THR A 300 12.82 -14.14 13.99
N PRO A 301 13.40 -13.76 12.87
CA PRO A 301 12.69 -12.78 12.02
C PRO A 301 11.41 -13.39 11.45
N LEU A 302 10.46 -12.53 11.11
CA LEU A 302 9.24 -13.02 10.46
C LEU A 302 9.67 -13.49 9.05
N LEU A 303 9.20 -14.66 8.67
CA LEU A 303 9.37 -15.13 7.29
C LEU A 303 8.02 -15.36 6.69
N GLU A 304 7.78 -14.83 5.49
CA GLU A 304 6.45 -14.89 4.92
C GLU A 304 5.92 -16.36 4.83
N VAL A 305 6.83 -17.31 4.59
CA VAL A 305 6.50 -18.73 4.50
C VAL A 305 5.85 -19.28 5.73
N ASN A 306 6.09 -18.61 6.88
CA ASN A 306 5.63 -19.08 8.19
C ASN A 306 4.30 -18.53 8.56
N ILE A 307 3.79 -17.52 7.80
CA ILE A 307 2.57 -16.85 8.19
C ILE A 307 1.41 -17.71 7.70
N ARG A 308 0.43 -17.92 8.56
CA ARG A 308 -0.72 -18.79 8.28
C ARG A 308 -1.96 -17.96 8.55
N PRO A 309 -2.99 -18.05 7.68
CA PRO A 309 -4.23 -17.37 7.98
C PRO A 309 -4.82 -17.84 9.32
N PHE A 310 -5.47 -16.94 10.06
CA PHE A 310 -6.08 -17.29 11.33
C PHE A 310 -7.25 -18.26 11.08
N VAL A 311 -8.07 -17.96 10.11
CA VAL A 311 -9.18 -18.84 9.67
C VAL A 311 -8.58 -19.70 8.57
N PHE A 312 -8.61 -21.02 8.75
CA PHE A 312 -8.14 -21.90 7.71
C PHE A 312 -8.85 -21.61 6.37
N THR A 313 -8.09 -21.43 5.31
CA THR A 313 -8.71 -20.90 4.10
C THR A 313 -8.00 -21.60 3.01
N PRO A 314 -8.56 -22.71 2.57
CA PRO A 314 -7.80 -23.56 1.61
C PRO A 314 -7.55 -22.90 0.29
N VAL A 315 -6.59 -23.44 -0.44
CA VAL A 315 -6.17 -22.91 -1.73
C VAL A 315 -7.15 -23.42 -2.76
N PRO A 316 -7.69 -22.52 -3.60
CA PRO A 316 -8.65 -22.95 -4.61
C PRO A 316 -7.89 -23.63 -5.76
N GLY A 317 -8.57 -24.45 -6.55
CA GLY A 317 -7.92 -25.19 -7.66
C GLY A 317 -7.27 -26.46 -7.12
N GLN A 318 -6.43 -27.08 -7.92
CA GLN A 318 -5.83 -28.33 -7.54
C GLN A 318 -4.41 -28.10 -7.02
N PRO A 319 -3.97 -28.92 -6.07
CA PRO A 319 -2.75 -28.64 -5.33
C PRO A 319 -1.50 -29.06 -6.07
N HIS A 320 -1.35 -28.62 -7.30
CA HIS A 320 -0.09 -28.78 -8.08
C HIS A 320 0.10 -27.57 -8.96
N ALA A 321 1.31 -27.40 -9.46
CA ALA A 321 1.59 -26.32 -10.33
C ALA A 321 0.72 -26.42 -11.59
N GLY A 322 0.07 -25.31 -11.96
CA GLY A 322 -0.83 -25.29 -13.16
C GLY A 322 -2.24 -25.76 -12.82
N GLY A 323 -2.49 -26.12 -11.57
CA GLY A 323 -3.82 -26.60 -11.16
C GLY A 323 -4.87 -25.51 -11.00
N ALA A 324 -5.12 -24.73 -12.05
CA ALA A 324 -6.09 -23.67 -11.95
C ALA A 324 -6.67 -23.47 -13.33
N ASP A 325 -7.69 -22.63 -13.44
CA ASP A 325 -8.40 -22.43 -14.71
C ASP A 325 -7.63 -21.59 -15.68
N PHE A 326 -6.91 -20.57 -15.17
CA PHE A 326 -6.16 -19.74 -16.06
C PHE A 326 -4.81 -19.56 -15.42
N VAL A 327 -3.76 -19.91 -16.14
CA VAL A 327 -2.42 -19.96 -15.55
C VAL A 327 -1.47 -19.18 -16.39
N LYS A 328 -0.72 -18.27 -15.78
CA LYS A 328 0.14 -17.40 -16.58
C LYS A 328 1.41 -17.11 -15.82
N ASN A 329 2.54 -17.25 -16.52
CA ASN A 329 3.83 -16.78 -16.05
C ASN A 329 4.06 -15.32 -16.52
N LEU A 330 4.04 -14.39 -15.57
CA LEU A 330 4.18 -12.94 -15.91
C LEU A 330 5.67 -12.63 -16.00
N LEU A 331 6.07 -12.13 -17.15
CA LEU A 331 7.48 -11.75 -17.37
C LEU A 331 7.72 -10.26 -17.16
N PHE A 332 8.39 -9.93 -16.07
CA PHE A 332 8.72 -8.54 -15.82
C PHE A 332 10.16 -8.24 -16.26
N SER A 333 10.37 -7.14 -16.99
CA SER A 333 11.69 -6.79 -17.49
C SER A 333 11.86 -5.28 -17.50
N PHE A 334 13.11 -4.86 -17.78
CA PHE A 334 13.47 -3.47 -17.82
C PHE A 334 14.35 -3.30 -19.07
N ASN A 335 14.04 -2.35 -19.93
CA ASN A 335 14.78 -2.22 -21.19
C ASN A 335 15.91 -1.20 -21.14
N GLY A 336 16.27 -0.78 -19.93
CA GLY A 336 17.25 0.29 -19.80
C GLY A 336 16.62 1.61 -19.43
N THR A 337 15.41 1.91 -19.90
CA THR A 337 14.73 3.10 -19.43
C THR A 337 13.37 2.80 -18.77
N ASN A 338 12.65 1.79 -19.26
CA ASN A 338 11.31 1.49 -18.77
C ASN A 338 11.11 0.02 -18.38
N PHE A 339 10.19 -0.19 -17.43
CA PHE A 339 9.72 -1.53 -17.14
C PHE A 339 8.68 -2.06 -18.16
N GLN A 340 8.58 -3.40 -18.26
CA GLN A 340 7.64 -4.08 -19.13
C GLN A 340 7.09 -5.27 -18.45
N VAL A 341 5.81 -5.49 -18.69
CA VAL A 341 5.19 -6.72 -18.34
C VAL A 341 4.86 -7.43 -19.65
N ASP A 342 5.38 -8.64 -19.79
CA ASP A 342 5.21 -9.41 -21.02
C ASP A 342 5.54 -8.51 -22.24
N ASN A 343 6.67 -7.81 -22.15
CA ASN A 343 7.23 -7.01 -23.22
C ASN A 343 6.54 -5.70 -23.52
N VAL A 344 5.57 -5.32 -22.69
CA VAL A 344 4.86 -4.05 -22.94
C VAL A 344 4.95 -3.17 -21.67
N SER A 345 5.39 -1.92 -21.85
CA SER A 345 5.42 -0.98 -20.75
C SER A 345 4.05 -0.31 -20.64
N PHE A 346 3.49 -0.14 -19.45
CA PHE A 346 2.17 0.45 -19.35
C PHE A 346 2.17 1.93 -19.72
N VAL A 347 1.26 2.33 -20.59
CA VAL A 347 1.07 3.73 -20.95
C VAL A 347 -0.41 4.03 -20.72
N PRO A 348 -0.73 4.96 -19.78
CA PRO A 348 -2.14 5.14 -19.49
C PRO A 348 -2.84 5.66 -20.71
N PRO A 349 -4.03 5.13 -20.99
CA PRO A 349 -4.85 5.61 -22.08
C PRO A 349 -5.52 6.95 -21.76
N THR A 350 -5.89 7.65 -22.81
CA THR A 350 -6.60 8.92 -22.63
C THR A 350 -8.03 8.67 -22.12
N VAL A 351 -8.66 7.61 -22.60
CA VAL A 351 -9.99 7.22 -22.12
C VAL A 351 -9.76 6.17 -21.05
N PRO A 352 -10.17 6.43 -19.77
CA PRO A 352 -9.92 5.38 -18.76
C PRO A 352 -10.56 4.03 -19.13
N ILE A 353 -9.91 2.93 -18.76
CA ILE A 353 -10.34 1.64 -19.20
C ILE A 353 -11.79 1.38 -18.80
N LEU A 354 -12.20 1.76 -17.58
CA LEU A 354 -13.61 1.49 -17.22
C LEU A 354 -14.53 2.35 -18.11
N LEU A 355 -14.10 3.56 -18.48
CA LEU A 355 -14.97 4.35 -19.36
C LEU A 355 -15.05 3.69 -20.76
N GLN A 356 -13.98 3.13 -21.25
CA GLN A 356 -14.06 2.36 -22.48
C GLN A 356 -15.15 1.25 -22.31
N ILE A 357 -15.15 0.56 -21.17
CA ILE A 357 -16.10 -0.53 -20.92
C ILE A 357 -17.53 0.01 -20.87
N LEU A 358 -17.77 1.10 -20.14
CA LEU A 358 -19.13 1.63 -20.09
C LEU A 358 -19.56 2.25 -21.42
N SER A 359 -18.62 2.63 -22.26
CA SER A 359 -18.94 3.22 -23.55
C SER A 359 -19.23 2.15 -24.58
N GLY A 360 -19.02 0.90 -24.24
CA GLY A 360 -19.52 -0.19 -25.07
C GLY A 360 -18.55 -1.30 -25.42
N ALA A 361 -17.36 -1.33 -24.81
CA ALA A 361 -16.40 -2.41 -25.07
C ALA A 361 -17.12 -3.75 -24.86
N HIS A 362 -17.05 -4.68 -25.79
CA HIS A 362 -17.79 -5.95 -25.57
C HIS A 362 -16.98 -6.85 -24.61
N THR A 363 -15.65 -6.80 -24.72
CA THR A 363 -14.78 -7.76 -24.07
C THR A 363 -13.43 -7.11 -23.85
N ALA A 364 -12.55 -7.82 -23.14
CA ALA A 364 -11.17 -7.40 -22.89
C ALA A 364 -10.44 -7.03 -24.14
N GLN A 365 -10.74 -7.69 -25.26
CA GLN A 365 -9.98 -7.40 -26.49
C GLN A 365 -10.36 -6.08 -27.13
N ASP A 366 -11.37 -5.39 -26.60
CA ASP A 366 -11.68 -4.07 -27.08
C ASP A 366 -10.85 -3.03 -26.33
N LEU A 367 -10.10 -3.43 -25.29
CA LEU A 367 -9.54 -2.41 -24.38
C LEU A 367 -8.16 -1.94 -24.82
N MET A 368 -7.86 -0.68 -24.50
CA MET A 368 -6.58 -0.07 -24.85
C MET A 368 -5.91 0.50 -23.59
N PRO A 369 -4.57 0.40 -23.51
CA PRO A 369 -3.68 -0.18 -24.49
C PRO A 369 -3.76 -1.75 -24.41
N ALA A 370 -4.08 -2.37 -25.54
CA ALA A 370 -4.28 -3.81 -25.62
C ALA A 370 -3.08 -4.60 -25.14
N GLY A 371 -1.87 -4.06 -25.30
CA GLY A 371 -0.70 -4.78 -24.96
C GLY A 371 -0.58 -4.97 -23.46
N SER A 372 -1.36 -4.21 -22.69
CA SER A 372 -1.28 -4.26 -21.21
C SER A 372 -2.50 -4.89 -20.60
N ILE A 373 -3.26 -5.61 -21.39
CA ILE A 373 -4.49 -6.23 -20.92
C ILE A 373 -4.33 -7.73 -20.72
N ILE A 374 -4.65 -8.24 -19.52
CA ILE A 374 -4.77 -9.67 -19.34
C ILE A 374 -6.23 -10.02 -19.10
N PRO A 375 -6.90 -10.70 -20.03
CA PRO A 375 -8.29 -11.08 -19.77
C PRO A 375 -8.37 -12.20 -18.78
N LEU A 376 -9.26 -12.08 -17.80
CA LEU A 376 -9.48 -13.12 -16.85
C LEU A 376 -10.94 -13.57 -16.97
N PRO A 377 -11.16 -14.90 -17.03
CA PRO A 377 -12.51 -15.41 -17.05
C PRO A 377 -13.22 -15.26 -15.72
N LYS A 378 -14.54 -15.23 -15.75
CA LYS A 378 -15.33 -15.06 -14.55
C LYS A 378 -15.41 -16.33 -13.69
N ASN A 379 -15.53 -16.18 -12.36
CA ASN A 379 -15.73 -17.32 -11.45
C ASN A 379 -14.72 -18.46 -11.61
N ALA A 380 -13.43 -18.13 -11.68
CA ALA A 380 -12.38 -19.07 -11.99
C ALA A 380 -11.28 -18.97 -10.94
N VAL A 381 -10.34 -19.91 -11.00
CA VAL A 381 -9.17 -19.91 -10.17
C VAL A 381 -8.03 -19.50 -11.09
N ILE A 382 -7.29 -18.48 -10.64
CA ILE A 382 -6.24 -17.90 -11.42
C ILE A 382 -4.95 -18.20 -10.72
N GLU A 383 -3.91 -18.53 -11.49
CA GLU A 383 -2.57 -18.74 -10.90
C GLU A 383 -1.55 -17.95 -11.68
N PHE A 384 -0.86 -17.06 -11.00
CA PHE A 384 0.20 -16.29 -11.66
C PHE A 384 1.53 -16.64 -11.02
N SER A 385 2.55 -16.93 -11.87
CA SER A 385 3.92 -16.97 -11.37
C SER A 385 4.56 -15.67 -11.83
N MET A 386 5.45 -15.16 -10.98
CA MET A 386 6.00 -13.83 -11.26
C MET A 386 7.50 -13.90 -10.92
N PRO A 387 8.28 -14.54 -11.79
CA PRO A 387 9.71 -14.76 -11.42
C PRO A 387 10.46 -13.44 -11.22
N GLY A 388 11.25 -13.43 -10.15
CA GLY A 388 12.02 -12.28 -9.76
C GLY A 388 13.14 -12.14 -10.73
N GLY A 389 13.80 -10.99 -10.70
CA GLY A 389 14.97 -10.83 -11.54
C GLY A 389 15.13 -9.44 -12.09
N VAL A 390 14.03 -8.83 -12.53
CA VAL A 390 14.14 -7.48 -13.07
C VAL A 390 14.79 -6.47 -12.06
N VAL A 391 15.64 -5.59 -12.58
CA VAL A 391 16.42 -4.64 -11.76
C VAL A 391 15.46 -3.79 -10.87
N GLY A 392 15.94 -3.30 -9.72
CA GLY A 392 15.16 -2.34 -8.92
C GLY A 392 14.50 -2.95 -7.67
N GLY A 393 14.82 -4.20 -7.35
CA GLY A 393 14.15 -4.90 -6.22
C GLY A 393 14.00 -6.37 -6.51
N GLY A 394 13.32 -7.14 -5.65
CA GLY A 394 12.73 -6.61 -4.37
C GLY A 394 11.40 -5.93 -4.64
N HIS A 395 10.77 -6.24 -5.77
CA HIS A 395 9.59 -5.55 -6.23
C HIS A 395 8.37 -6.02 -5.50
N PRO A 396 7.71 -5.10 -4.80
CA PRO A 396 6.45 -5.47 -4.10
C PRO A 396 5.33 -5.38 -5.13
N ILE A 397 4.86 -6.51 -5.61
CA ILE A 397 3.84 -6.51 -6.62
C ILE A 397 2.48 -6.52 -5.92
N HIS A 398 1.53 -5.71 -6.41
CA HIS A 398 0.20 -5.53 -5.76
C HIS A 398 -0.89 -5.78 -6.79
N LEU A 399 -1.98 -6.43 -6.41
CA LEU A 399 -3.12 -6.65 -7.30
C LEU A 399 -4.25 -5.85 -6.70
N HIS A 400 -4.94 -5.08 -7.53
CA HIS A 400 -6.13 -4.40 -7.08
C HIS A 400 -7.32 -5.32 -7.19
N GLY A 401 -8.38 -5.01 -6.44
CA GLY A 401 -9.65 -5.78 -6.55
C GLY A 401 -9.68 -7.17 -5.91
N HIS A 402 -8.55 -7.62 -5.34
CA HIS A 402 -8.38 -9.03 -4.91
C HIS A 402 -7.30 -9.09 -3.86
N ASN A 403 -7.30 -10.11 -3.02
CA ASN A 403 -6.07 -10.45 -2.33
C ASN A 403 -5.78 -11.86 -2.91
N PHE A 404 -4.70 -12.51 -2.47
CA PHE A 404 -4.31 -13.75 -3.10
C PHE A 404 -3.59 -14.66 -2.10
N TRP A 405 -3.65 -15.96 -2.33
CA TRP A 405 -2.82 -16.91 -1.59
C TRP A 405 -1.40 -16.88 -2.18
N VAL A 406 -0.38 -16.78 -1.31
CA VAL A 406 0.96 -16.79 -1.76
C VAL A 406 1.48 -18.24 -1.66
N ILE A 407 1.26 -19.00 -2.73
CA ILE A 407 1.71 -20.40 -2.76
C ILE A 407 3.22 -20.54 -2.50
N ARG A 408 3.99 -19.67 -3.12
CA ARG A 408 5.44 -19.70 -3.03
C ARG A 408 5.95 -18.27 -2.86
N SER A 409 6.71 -18.06 -1.80
CA SER A 409 7.25 -16.74 -1.43
C SER A 409 8.66 -16.63 -2.00
N ALA A 410 9.25 -15.42 -1.95
CA ALA A 410 10.63 -15.24 -2.38
C ALA A 410 11.60 -15.95 -1.43
N ASN A 411 12.78 -16.31 -1.94
CA ASN A 411 13.78 -16.95 -1.10
C ASN A 411 13.23 -18.22 -0.42
N SER A 412 12.57 -19.05 -1.20
CA SER A 412 11.94 -20.22 -0.67
C SER A 412 11.67 -21.16 -1.84
N SER A 413 11.91 -22.44 -1.68
CA SER A 413 11.59 -23.35 -2.79
C SER A 413 10.20 -24.02 -2.56
N VAL A 414 9.54 -23.65 -1.47
CA VAL A 414 8.32 -24.34 -1.03
C VAL A 414 7.10 -23.87 -1.81
N TYR A 415 6.32 -24.82 -2.33
CA TYR A 415 4.97 -24.52 -2.83
C TYR A 415 4.02 -24.98 -1.77
N ASN A 416 3.31 -24.06 -1.12
CA ASN A 416 2.36 -24.42 -0.09
C ASN A 416 0.92 -24.37 -0.67
N TYR A 417 0.34 -25.53 -0.99
CA TYR A 417 -1.05 -25.63 -1.46
C TYR A 417 -1.99 -25.95 -0.32
N ASN A 418 -1.51 -25.82 0.93
CA ASN A 418 -2.28 -26.21 2.09
C ASN A 418 -2.80 -25.00 2.87
N ASP A 419 -1.88 -24.14 3.31
CA ASP A 419 -2.32 -23.01 4.15
C ASP A 419 -1.39 -21.80 4.05
N PRO A 420 -1.03 -21.42 2.81
CA PRO A 420 -0.20 -20.22 2.65
C PRO A 420 -0.90 -18.96 3.14
N VAL A 421 -0.06 -17.98 3.51
CA VAL A 421 -0.53 -16.62 3.74
C VAL A 421 -1.41 -16.06 2.59
N ILE A 422 -2.36 -15.22 2.99
CA ILE A 422 -3.17 -14.51 2.00
C ILE A 422 -2.81 -13.00 2.15
N ARG A 423 -2.46 -12.31 1.06
CA ARG A 423 -2.11 -10.90 1.25
C ARG A 423 -2.41 -10.14 -0.02
N ASP A 424 -2.03 -8.85 -0.15
CA ASP A 424 -2.31 -8.19 -1.43
C ASP A 424 -1.09 -7.51 -2.04
N VAL A 425 0.01 -7.53 -1.32
CA VAL A 425 1.32 -7.04 -1.87
C VAL A 425 2.33 -8.09 -1.56
N VAL A 426 3.10 -8.54 -2.56
CA VAL A 426 4.08 -9.59 -2.26
C VAL A 426 5.41 -9.26 -2.93
N ASN A 427 6.46 -9.44 -2.17
CA ASN A 427 7.82 -9.24 -2.73
C ASN A 427 8.14 -10.41 -3.68
N ILE A 428 8.56 -10.14 -4.92
CA ILE A 428 8.91 -11.21 -5.87
C ILE A 428 10.40 -11.55 -5.83
N GLY A 429 11.16 -10.77 -5.06
CA GLY A 429 12.58 -11.12 -4.83
C GLY A 429 13.42 -10.88 -6.07
N THR A 430 14.26 -11.86 -6.42
CA THR A 430 15.19 -11.64 -7.53
C THR A 430 15.40 -12.91 -8.34
N THR A 431 16.42 -12.93 -9.21
CA THR A 431 16.59 -14.05 -10.14
C THR A 431 16.74 -15.36 -9.35
N GLY A 432 15.92 -16.35 -9.64
CA GLY A 432 15.92 -17.59 -8.86
C GLY A 432 14.64 -17.69 -8.06
N ASP A 433 13.98 -16.55 -7.79
CA ASP A 433 12.70 -16.61 -7.09
C ASP A 433 11.57 -16.83 -8.09
N ASN A 434 10.53 -17.52 -7.65
CA ASN A 434 9.36 -17.64 -8.53
C ASN A 434 8.06 -17.59 -7.73
N VAL A 435 7.81 -16.42 -7.15
CA VAL A 435 6.64 -16.23 -6.36
C VAL A 435 5.42 -16.57 -7.20
N THR A 436 4.52 -17.30 -6.57
CA THR A 436 3.39 -17.83 -7.29
C THR A 436 2.18 -17.66 -6.43
N ILE A 437 1.12 -17.09 -7.02
CA ILE A 437 -0.05 -16.75 -6.25
C ILE A 437 -1.31 -17.28 -6.91
N ARG A 438 -2.37 -17.38 -6.15
CA ARG A 438 -3.65 -17.71 -6.74
C ARG A 438 -4.68 -16.78 -6.20
N PHE A 439 -5.70 -16.50 -7.03
CA PHE A 439 -6.86 -15.84 -6.54
C PHE A 439 -8.08 -16.30 -7.34
N GLU A 440 -9.25 -15.92 -6.87
CA GLU A 440 -10.47 -16.26 -7.60
C GLU A 440 -11.13 -15.05 -8.23
N THR A 441 -11.71 -15.25 -9.41
CA THR A 441 -12.30 -14.08 -10.13
C THR A 441 -13.79 -13.92 -9.82
N ASN A 442 -14.07 -13.31 -8.67
CA ASN A 442 -15.46 -13.11 -8.34
C ASN A 442 -15.77 -11.60 -8.29
N ASN A 443 -15.07 -10.84 -9.14
CA ASN A 443 -15.09 -9.38 -9.08
C ASN A 443 -14.91 -8.69 -10.45
N PRO A 444 -16.00 -8.65 -11.23
CA PRO A 444 -15.90 -8.09 -12.59
C PRO A 444 -15.43 -6.64 -12.63
N GLY A 445 -14.51 -6.42 -13.56
CA GLY A 445 -14.04 -5.05 -13.84
C GLY A 445 -12.56 -5.07 -14.20
N PRO A 446 -12.04 -3.92 -14.61
CA PRO A 446 -10.62 -3.73 -14.87
C PRO A 446 -9.83 -3.41 -13.57
N TRP A 447 -8.83 -4.22 -13.21
CA TRP A 447 -8.12 -4.06 -11.93
C TRP A 447 -6.62 -3.96 -12.26
N PHE A 448 -5.93 -2.98 -11.69
CA PHE A 448 -4.50 -2.81 -11.92
C PHE A 448 -3.74 -3.91 -11.19
N LEU A 449 -2.65 -4.34 -11.80
CA LEU A 449 -1.63 -5.14 -11.12
C LEU A 449 -0.30 -4.43 -11.42
N HIS A 450 0.48 -4.07 -10.40
CA HIS A 450 1.63 -3.21 -10.64
C HIS A 450 2.65 -3.36 -9.56
N CYS A 451 3.88 -2.97 -9.83
CA CYS A 451 4.84 -2.87 -8.75
C CYS A 451 4.52 -1.68 -7.86
N HIS A 452 4.65 -1.87 -6.54
CA HIS A 452 4.27 -0.79 -5.65
C HIS A 452 5.39 0.18 -5.32
N ILE A 453 6.53 0.03 -6.00
CA ILE A 453 7.56 1.03 -5.94
C ILE A 453 7.08 2.06 -6.96
N ASP A 454 6.74 3.25 -6.48
CA ASP A 454 5.92 4.16 -7.32
C ASP A 454 6.70 4.61 -8.54
N TRP A 455 8.01 4.75 -8.37
CA TRP A 455 8.93 5.14 -9.47
C TRP A 455 8.90 4.12 -10.61
N HIS A 456 8.69 2.87 -10.25
CA HIS A 456 8.66 1.75 -11.21
C HIS A 456 7.29 1.77 -11.88
N LEU A 457 6.22 1.96 -11.11
CA LEU A 457 4.93 2.19 -11.74
C LEU A 457 4.96 3.32 -12.83
N ASP A 458 5.58 4.45 -12.48
CA ASP A 458 5.66 5.59 -13.42
C ASP A 458 6.41 5.15 -14.69
N LEU A 459 7.39 4.27 -14.54
CA LEU A 459 8.18 3.80 -15.67
C LEU A 459 7.56 2.57 -16.35
N GLY A 460 6.30 2.26 -16.02
CA GLY A 460 5.48 1.36 -16.87
C GLY A 460 5.29 -0.01 -16.29
N PHE A 461 5.69 -0.20 -15.02
CA PHE A 461 5.67 -1.54 -14.45
C PHE A 461 4.25 -1.87 -13.98
N ALA A 462 3.38 -2.17 -14.94
CA ALA A 462 1.94 -2.38 -14.60
C ALA A 462 1.22 -3.11 -15.72
N VAL A 463 0.12 -3.76 -15.40
CA VAL A 463 -0.75 -4.38 -16.40
C VAL A 463 -2.16 -4.27 -15.88
N VAL A 464 -3.13 -4.42 -16.75
CA VAL A 464 -4.49 -4.39 -16.27
C VAL A 464 -5.14 -5.77 -16.38
N MET A 465 -5.67 -6.26 -15.25
CA MET A 465 -6.45 -7.54 -15.26
C MET A 465 -7.85 -7.18 -15.70
N ALA A 466 -8.26 -7.71 -16.86
CA ALA A 466 -9.53 -7.33 -17.40
C ALA A 466 -10.49 -8.47 -17.07
N GLU A 467 -11.17 -8.37 -15.93
CA GLU A 467 -11.91 -9.50 -15.35
C GLU A 467 -13.39 -9.50 -15.71
N ASP A 468 -13.85 -10.56 -16.35
CA ASP A 468 -15.24 -10.71 -16.73
C ASP A 468 -15.82 -9.46 -17.40
N ILE A 469 -15.09 -8.96 -18.36
CA ILE A 469 -15.48 -7.70 -19.06
C ILE A 469 -16.94 -7.64 -19.57
N PRO A 470 -17.42 -8.73 -20.22
CA PRO A 470 -18.86 -8.71 -20.64
C PRO A 470 -19.85 -8.34 -19.53
N ASP A 471 -19.52 -8.64 -18.27
CA ASP A 471 -20.40 -8.26 -17.12
C ASP A 471 -19.98 -6.98 -16.41
N ALA A 472 -18.79 -6.45 -16.74
CA ALA A 472 -18.22 -5.37 -15.96
C ALA A 472 -19.06 -4.10 -15.90
N ALA A 473 -19.67 -3.69 -17.02
CA ALA A 473 -20.50 -2.45 -17.02
C ALA A 473 -21.73 -2.59 -16.13
N ALA A 474 -22.42 -3.72 -16.27
CA ALA A 474 -23.64 -3.95 -15.49
C ALA A 474 -23.34 -4.17 -13.99
N ALA A 475 -22.25 -4.87 -13.72
CA ALA A 475 -21.78 -5.08 -12.35
C ALA A 475 -21.26 -3.81 -11.60
N ASN A 476 -20.91 -2.74 -12.31
CA ASN A 476 -20.32 -1.53 -11.69
C ASN A 476 -21.06 -0.27 -12.08
N PRO A 477 -22.40 -0.18 -11.82
CA PRO A 477 -23.12 1.08 -12.16
C PRO A 477 -22.45 2.35 -11.63
N VAL A 478 -22.28 3.38 -12.44
CA VAL A 478 -21.52 4.56 -11.97
C VAL A 478 -22.39 5.72 -11.60
N PRO A 479 -21.92 6.54 -10.66
CA PRO A 479 -22.75 7.72 -10.31
C PRO A 479 -22.57 8.80 -11.35
N ALA A 480 -23.55 9.72 -11.46
CA ALA A 480 -23.46 10.81 -12.48
C ALA A 480 -22.13 11.56 -12.34
N ALA A 481 -21.71 11.89 -11.10
CA ALA A 481 -20.49 12.63 -10.88
C ALA A 481 -19.28 11.93 -11.55
N TRP A 482 -19.29 10.59 -11.57
CA TRP A 482 -18.19 9.88 -12.19
C TRP A 482 -18.18 10.12 -13.74
N ASN A 483 -19.35 10.20 -14.36
CA ASN A 483 -19.40 10.59 -15.79
C ASN A 483 -18.86 11.98 -16.11
N GLU A 484 -18.95 12.90 -15.16
CA GLU A 484 -18.41 14.26 -15.34
C GLU A 484 -16.89 14.37 -15.18
N LEU A 485 -16.22 13.32 -14.72
CA LEU A 485 -14.79 13.45 -14.42
C LEU A 485 -13.96 13.69 -15.68
N CYS A 486 -14.11 12.82 -16.67
CA CYS A 486 -13.30 12.97 -17.89
C CYS A 486 -13.57 14.27 -18.67
N PRO A 487 -14.85 14.67 -18.83
CA PRO A 487 -15.09 15.99 -19.49
C PRO A 487 -14.36 17.12 -18.76
N LEU A 488 -14.40 17.13 -17.41
CA LEU A 488 -13.71 18.20 -16.66
C LEU A 488 -12.18 18.12 -16.82
N TYR A 489 -11.64 16.90 -16.74
CA TYR A 489 -10.22 16.70 -16.77
C TYR A 489 -9.67 17.01 -18.17
N ASP A 490 -10.37 16.54 -19.18
CA ASP A 490 -9.93 16.75 -20.56
C ASP A 490 -10.08 18.19 -21.00
N ALA A 491 -10.93 18.96 -20.32
CA ALA A 491 -11.04 20.41 -20.58
C ALA A 491 -9.84 21.24 -20.13
N LEU A 492 -8.99 20.71 -19.24
CA LEU A 492 -7.80 21.43 -18.75
C LEU A 492 -6.75 21.53 -19.88
N THR A 493 -5.87 22.53 -19.83
CA THR A 493 -4.73 22.61 -20.79
C THR A 493 -3.50 21.84 -20.25
N PRO A 494 -2.63 21.34 -21.16
CA PRO A 494 -1.36 20.79 -20.66
C PRO A 494 -0.25 21.86 -20.60
N GLY A 495 0.25 22.23 -19.41
CA GLY A 495 -0.16 21.65 -18.13
C GLY A 495 -0.78 22.62 -17.14
N ASN A 496 -2.07 22.43 -16.88
CA ASN A 496 -2.79 22.97 -15.74
C ASN A 496 -3.41 21.70 -15.09
N GLN A 497 -2.74 20.58 -15.34
CA GLN A 497 -3.21 19.27 -14.94
C GLN A 497 -2.74 18.91 -13.52
#